data_7HST
#
_entry.id   7HST
#
_cell.length_a   99.520
_cell.length_b   99.520
_cell.length_c   129.200
_cell.angle_alpha   90.00
_cell.angle_beta   90.00
_cell.angle_gamma   90.00
#
_symmetry.space_group_name_H-M   'I 2 2 2'
#
loop_
_entity.id
_entity.type
_entity.pdbx_description
1 polymer 'Oleoyl-acyl carrier protein thioesterase 1, chloroplastic'
2 non-polymer (S)-1-(4-methoxyphenyl)-1-phenylmethanamine
3 non-polymer 'SULFATE ION'
4 water water
#
_entity_poly.entity_id   1
_entity_poly.type   'polypeptide(L)'
_entity_poly.pdbx_seq_one_letter_code
;MGSLTEDGLSYKEKFVVRSYEVGSNKTATVETIANLLQEVGCNHAQSVGFSTDGFATTTTMRKLHLIWVTARMHIEIYKY
PAWGDVVEIETWCQSEGRIGTRRDWILKDSVTGEVTGRATSKWVMMNQDTRRLQKVSDDVRDEYLVFCPQEPRLAFPEEN
NRSLKKIPKLEDPAQYSMIGLKPRRADLDMNQHVNNVTYIGWVLESIPQEIVDTHELQVITLDYRRECQQDDVVDSLTTT
TSEIGGTNGSATSGTQGHNDSQFLHLLRLSGDGQEINRGTTLWRKKPSSHHHHHH
;
_entity_poly.pdbx_strand_id   A,B
#
loop_
_chem_comp.id
_chem_comp.type
_chem_comp.name
_chem_comp.formula
SO4 non-polymer 'SULFATE ION' 'O4 S -2'
WJG non-polymer (S)-1-(4-methoxyphenyl)-1-phenylmethanamine 'C14 H15 N O'
#
# COMPACT_ATOMS: atom_id res chain seq x y z
N GLY A 2 -16.21 -4.16 10.97
CA GLY A 2 -17.10 -4.85 10.04
C GLY A 2 -17.91 -5.97 10.69
N SER A 3 -19.01 -6.36 10.04
CA SER A 3 -19.85 -7.42 10.58
C SER A 3 -20.66 -8.12 9.50
N LEU A 4 -21.05 -9.38 9.76
CA LEU A 4 -21.95 -10.13 8.89
C LEU A 4 -23.33 -9.48 9.00
N THR A 5 -24.10 -9.50 7.91
CA THR A 5 -25.46 -9.00 7.93
C THR A 5 -26.36 -9.92 8.77
N GLU A 6 -27.57 -9.50 9.11
CA GLU A 6 -28.46 -10.29 9.96
C GLU A 6 -28.63 -11.76 9.54
N ASP A 7 -28.74 -12.02 8.23
CA ASP A 7 -28.92 -13.40 7.77
C ASP A 7 -27.64 -14.27 7.79
N GLY A 8 -26.48 -13.65 8.03
CA GLY A 8 -25.17 -14.30 8.05
C GLY A 8 -24.68 -14.73 6.68
N LEU A 9 -25.31 -14.24 5.58
CA LEU A 9 -24.93 -14.65 4.24
C LEU A 9 -24.11 -13.63 3.43
N SER A 10 -23.71 -12.52 4.05
CA SER A 10 -22.86 -11.50 3.46
C SER A 10 -22.12 -10.70 4.56
N TYR A 11 -21.10 -9.92 4.22
CA TYR A 11 -20.31 -9.17 5.21
C TYR A 11 -20.15 -7.71 4.79
N LYS A 12 -20.28 -6.76 5.75
CA LYS A 12 -20.15 -5.33 5.51
C LYS A 12 -19.02 -4.71 6.29
N GLU A 13 -18.34 -3.70 5.72
CA GLU A 13 -17.27 -3.02 6.43
C GLU A 13 -17.11 -1.59 5.92
N LYS A 14 -16.88 -0.65 6.84
CA LYS A 14 -16.68 0.75 6.50
C LYS A 14 -15.19 1.07 6.50
N PHE A 15 -14.72 1.84 5.51
CA PHE A 15 -13.32 2.22 5.41
C PHE A 15 -13.18 3.73 5.24
N VAL A 16 -12.31 4.37 6.02
CA VAL A 16 -12.04 5.79 5.88
C VAL A 16 -10.86 5.91 4.92
N VAL A 17 -11.02 6.65 3.81
CA VAL A 17 -9.94 6.79 2.83
C VAL A 17 -8.75 7.63 3.36
N ARG A 18 -7.55 7.05 3.33
CA ARG A 18 -6.30 7.64 3.83
C ARG A 18 -5.59 8.54 2.83
N SER A 19 -4.73 9.44 3.33
CA SER A 19 -3.94 10.37 2.54
C SER A 19 -3.04 9.70 1.52
N TYR A 20 -2.38 8.60 1.91
CA TYR A 20 -1.49 7.90 0.99
C TYR A 20 -2.25 6.95 0.02
N GLU A 21 -3.55 6.77 0.21
CA GLU A 21 -4.38 5.92 -0.64
C GLU A 21 -5.00 6.64 -1.84
N VAL A 22 -4.78 7.99 -1.96
CA VAL A 22 -5.40 8.78 -3.04
C VAL A 22 -4.42 9.24 -4.11
N GLY A 23 -4.94 9.49 -5.32
CA GLY A 23 -4.18 10.00 -6.45
C GLY A 23 -4.18 11.51 -6.60
N SER A 24 -3.89 12.01 -7.81
N SER A 24 -3.88 12.02 -7.81
N SER A 24 -3.89 12.01 -7.81
CA SER A 24 -3.82 13.44 -8.13
CA SER A 24 -3.81 13.45 -8.09
CA SER A 24 -3.82 13.44 -8.13
C SER A 24 -5.13 14.17 -7.92
C SER A 24 -5.13 14.19 -7.93
C SER A 24 -5.13 14.17 -7.92
N ASN A 25 -6.26 13.52 -8.21
CA ASN A 25 -7.60 14.12 -8.05
C ASN A 25 -8.14 14.04 -6.59
N LYS A 26 -7.28 13.67 -5.61
CA LYS A 26 -7.56 13.51 -4.18
C LYS A 26 -8.66 12.48 -3.91
N THR A 27 -8.82 11.50 -4.80
CA THR A 27 -9.75 10.38 -4.66
C THR A 27 -8.94 9.08 -4.71
N ALA A 28 -9.49 8.01 -4.11
CA ALA A 28 -8.85 6.71 -4.00
C ALA A 28 -8.48 6.13 -5.35
N THR A 29 -7.29 5.53 -5.44
CA THR A 29 -6.87 4.88 -6.68
C THR A 29 -7.61 3.53 -6.83
N VAL A 30 -7.68 2.98 -8.05
CA VAL A 30 -8.32 1.67 -8.27
C VAL A 30 -7.55 0.55 -7.54
N GLU A 31 -6.23 0.74 -7.30
CA GLU A 31 -5.39 -0.17 -6.54
C GLU A 31 -5.80 -0.12 -5.06
N THR A 32 -6.15 1.07 -4.53
CA THR A 32 -6.64 1.19 -3.17
C THR A 32 -7.99 0.46 -3.04
N ILE A 33 -8.89 0.62 -4.03
CA ILE A 33 -10.17 -0.07 -4.04
C ILE A 33 -9.96 -1.59 -4.04
N ALA A 34 -9.06 -2.08 -4.92
CA ALA A 34 -8.72 -3.51 -5.03
C ALA A 34 -8.19 -4.10 -3.71
N ASN A 35 -7.44 -3.30 -2.94
CA ASN A 35 -6.91 -3.70 -1.63
C ASN A 35 -8.06 -3.80 -0.62
N LEU A 36 -8.99 -2.85 -0.66
CA LEU A 36 -10.14 -2.83 0.23
C LEU A 36 -11.08 -4.00 -0.01
N LEU A 37 -11.29 -4.39 -1.28
CA LEU A 37 -12.11 -5.55 -1.64
C LEU A 37 -11.45 -6.82 -1.12
N GLN A 38 -10.13 -6.92 -1.25
CA GLN A 38 -9.34 -8.04 -0.77
C GLN A 38 -9.46 -8.13 0.77
N GLU A 39 -9.32 -7.00 1.46
CA GLU A 39 -9.43 -6.89 2.91
C GLU A 39 -10.83 -7.29 3.43
N VAL A 40 -11.89 -6.80 2.78
CA VAL A 40 -13.25 -7.13 3.20
C VAL A 40 -13.59 -8.62 2.93
N GLY A 41 -12.98 -9.20 1.89
CA GLY A 41 -13.15 -10.62 1.57
C GLY A 41 -12.44 -11.50 2.60
N CYS A 42 -11.29 -11.03 3.10
N CYS A 42 -11.30 -11.03 3.10
N CYS A 42 -11.29 -11.03 3.10
CA CYS A 42 -10.52 -11.74 4.12
CA CYS A 42 -10.50 -11.69 4.09
CA CYS A 42 -10.52 -11.74 4.12
C CYS A 42 -11.24 -11.70 5.46
C CYS A 42 -11.20 -11.67 5.45
C CYS A 42 -11.24 -11.70 5.46
N ASN A 43 -11.87 -10.57 5.80
CA ASN A 43 -12.60 -10.44 7.07
C ASN A 43 -13.93 -11.22 7.05
N HIS A 44 -14.53 -11.42 5.86
CA HIS A 44 -15.73 -12.22 5.71
C HIS A 44 -15.37 -13.68 6.01
N ALA A 45 -14.24 -14.18 5.48
CA ALA A 45 -13.77 -15.54 5.71
C ALA A 45 -13.44 -15.76 7.21
N GLN A 46 -12.83 -14.78 7.87
CA GLN A 46 -12.50 -14.88 9.28
C GLN A 46 -13.75 -14.90 10.14
N SER A 47 -14.75 -14.09 9.78
N SER A 47 -14.76 -14.09 9.79
N SER A 47 -14.75 -14.09 9.78
CA SER A 47 -16.01 -14.01 10.53
CA SER A 47 -16.00 -14.03 10.54
CA SER A 47 -16.01 -14.01 10.53
C SER A 47 -16.89 -15.26 10.37
C SER A 47 -16.88 -15.28 10.39
C SER A 47 -16.89 -15.26 10.37
N VAL A 48 -16.59 -16.14 9.40
CA VAL A 48 -17.39 -17.35 9.20
C VAL A 48 -16.64 -18.64 9.60
N GLY A 49 -15.63 -18.51 10.44
CA GLY A 49 -14.89 -19.65 10.97
C GLY A 49 -13.75 -20.17 10.11
N PHE A 50 -13.27 -19.38 9.14
CA PHE A 50 -12.17 -19.81 8.28
C PHE A 50 -10.80 -19.20 8.71
N SER A 51 -9.72 -19.58 7.99
CA SER A 51 -8.36 -19.07 8.17
C SER A 51 -7.46 -19.49 7.01
N ALA A 56 -8.50 -18.78 2.52
CA ALA A 56 -9.85 -19.04 3.03
C ALA A 56 -10.25 -20.49 2.74
N THR A 57 -9.31 -21.41 3.00
CA THR A 57 -9.48 -22.84 2.76
C THR A 57 -10.31 -23.53 3.81
N THR A 58 -11.08 -24.52 3.38
CA THR A 58 -11.92 -25.34 4.24
C THR A 58 -11.06 -26.44 4.96
N THR A 59 -11.68 -27.29 5.79
CA THR A 59 -11.00 -28.37 6.49
C THR A 59 -10.45 -29.40 5.49
N THR A 60 -11.28 -29.75 4.49
CA THR A 60 -10.91 -30.72 3.46
C THR A 60 -9.83 -30.15 2.51
N MET A 61 -9.89 -28.84 2.22
N MET A 61 -9.89 -28.84 2.22
N MET A 61 -9.89 -28.84 2.22
CA MET A 61 -8.91 -28.21 1.35
CA MET A 61 -8.91 -28.20 1.35
CA MET A 61 -8.91 -28.21 1.35
C MET A 61 -7.53 -28.13 2.00
C MET A 61 -7.53 -28.16 2.01
C MET A 61 -7.53 -28.13 2.00
N ARG A 62 -7.49 -27.93 3.32
CA ARG A 62 -6.21 -27.89 4.06
C ARG A 62 -5.55 -29.27 4.07
N LYS A 63 -6.37 -30.31 4.22
CA LYS A 63 -5.99 -31.71 4.22
C LYS A 63 -5.46 -32.12 2.84
N LEU A 64 -6.13 -31.68 1.77
CA LEU A 64 -5.73 -32.08 0.42
C LEU A 64 -4.73 -31.16 -0.29
N HIS A 65 -4.15 -30.16 0.41
CA HIS A 65 -3.20 -29.20 -0.13
C HIS A 65 -3.80 -28.41 -1.30
N LEU A 66 -5.05 -27.96 -1.11
CA LEU A 66 -5.80 -27.20 -2.10
C LEU A 66 -6.00 -25.75 -1.67
N ILE A 67 -5.89 -24.80 -2.60
CA ILE A 67 -6.10 -23.36 -2.36
C ILE A 67 -7.02 -22.75 -3.44
N TRP A 68 -7.57 -21.56 -3.16
CA TRP A 68 -8.39 -20.84 -4.11
C TRP A 68 -7.49 -19.89 -4.85
N VAL A 69 -7.57 -19.89 -6.18
CA VAL A 69 -6.79 -18.95 -6.96
C VAL A 69 -7.72 -18.13 -7.86
N THR A 70 -7.49 -16.80 -7.98
CA THR A 70 -8.32 -15.96 -8.82
C THR A 70 -8.02 -16.24 -10.29
N ALA A 71 -9.08 -16.40 -11.07
CA ALA A 71 -9.01 -16.60 -12.51
C ALA A 71 -9.36 -15.27 -13.23
N ARG A 72 -10.31 -14.51 -12.69
CA ARG A 72 -10.73 -13.24 -13.27
C ARG A 72 -11.22 -12.27 -12.19
N MET A 73 -10.89 -10.98 -12.33
CA MET A 73 -11.35 -9.90 -11.45
C MET A 73 -11.95 -8.82 -12.36
N HIS A 74 -13.15 -8.33 -12.04
CA HIS A 74 -13.81 -7.32 -12.84
C HIS A 74 -14.32 -6.21 -11.92
N ILE A 75 -13.83 -4.97 -12.10
CA ILE A 75 -14.23 -3.84 -11.26
C ILE A 75 -14.87 -2.73 -12.08
N GLU A 76 -16.01 -2.22 -11.60
CA GLU A 76 -16.73 -1.15 -12.26
C GLU A 76 -16.95 -0.04 -11.24
N ILE A 77 -16.34 1.15 -11.44
CA ILE A 77 -16.44 2.28 -10.52
C ILE A 77 -17.20 3.47 -11.13
N TYR A 78 -18.17 4.03 -10.38
CA TYR A 78 -18.93 5.21 -10.84
C TYR A 78 -18.38 6.47 -10.19
N LYS A 79 -18.06 6.41 -8.89
CA LYS A 79 -17.51 7.54 -8.15
C LYS A 79 -16.43 7.04 -7.18
N TYR A 80 -15.22 7.55 -7.34
CA TYR A 80 -14.12 7.16 -6.45
C TYR A 80 -14.23 7.93 -5.14
N PRO A 81 -14.15 7.25 -3.99
CA PRO A 81 -14.27 7.96 -2.72
C PRO A 81 -13.12 8.93 -2.49
N ALA A 82 -13.43 10.15 -2.06
CA ALA A 82 -12.40 11.15 -1.82
C ALA A 82 -11.67 10.91 -0.47
N TRP A 83 -10.48 11.49 -0.33
CA TRP A 83 -9.64 11.45 0.85
C TRP A 83 -10.44 11.96 2.08
N GLY A 84 -10.61 11.09 3.07
CA GLY A 84 -11.37 11.43 4.27
C GLY A 84 -12.80 10.93 4.27
N ASP A 85 -13.29 10.45 3.12
CA ASP A 85 -14.64 9.93 3.02
C ASP A 85 -14.74 8.48 3.53
N VAL A 86 -15.95 8.06 3.90
CA VAL A 86 -16.16 6.70 4.37
C VAL A 86 -16.86 5.92 3.25
N VAL A 87 -16.30 4.76 2.88
CA VAL A 87 -16.90 3.91 1.86
C VAL A 87 -17.35 2.60 2.52
N GLU A 88 -18.61 2.17 2.31
CA GLU A 88 -19.06 0.91 2.89
C GLU A 88 -19.07 -0.18 1.81
N ILE A 89 -18.42 -1.31 2.06
CA ILE A 89 -18.33 -2.39 1.08
C ILE A 89 -19.03 -3.65 1.58
N GLU A 90 -19.96 -4.18 0.78
CA GLU A 90 -20.64 -5.42 1.12
C GLU A 90 -20.15 -6.54 0.19
N THR A 91 -19.79 -7.70 0.75
CA THR A 91 -19.27 -8.81 -0.04
C THR A 91 -19.94 -10.13 0.28
N TRP A 92 -20.08 -10.99 -0.72
CA TRP A 92 -20.66 -12.31 -0.52
C TRP A 92 -20.06 -13.30 -1.50
N CYS A 93 -20.13 -14.60 -1.19
N CYS A 93 -20.17 -14.59 -1.18
N CYS A 93 -20.13 -14.60 -1.19
CA CYS A 93 -19.62 -15.63 -2.07
CA CYS A 93 -19.66 -15.68 -2.01
CA CYS A 93 -19.62 -15.63 -2.07
C CYS A 93 -20.73 -16.57 -2.53
C CYS A 93 -20.79 -16.52 -2.57
C CYS A 93 -20.73 -16.57 -2.53
N GLN A 94 -20.52 -17.25 -3.66
CA GLN A 94 -21.50 -18.16 -4.24
C GLN A 94 -20.80 -19.29 -4.98
N SER A 95 -21.39 -20.46 -4.96
CA SER A 95 -20.84 -21.62 -5.66
C SER A 95 -21.36 -21.59 -7.11
N GLU A 96 -20.51 -21.90 -8.10
CA GLU A 96 -20.91 -21.90 -9.51
C GLU A 96 -20.75 -23.31 -10.07
N GLY A 97 -21.26 -24.29 -9.32
CA GLY A 97 -21.14 -25.69 -9.70
C GLY A 97 -19.77 -26.23 -9.38
N ARG A 98 -19.24 -27.09 -10.24
CA ARG A 98 -17.91 -27.67 -10.04
C ARG A 98 -16.77 -26.80 -10.60
N ILE A 99 -17.09 -25.70 -11.32
CA ILE A 99 -16.07 -24.84 -11.91
C ILE A 99 -15.28 -24.12 -10.81
N GLY A 100 -16.01 -23.56 -9.85
CA GLY A 100 -15.41 -22.85 -8.74
C GLY A 100 -16.38 -21.98 -8.00
N THR A 101 -15.86 -20.92 -7.37
CA THR A 101 -16.66 -19.98 -6.60
C THR A 101 -16.59 -18.57 -7.17
N ARG A 102 -17.56 -17.74 -6.82
CA ARG A 102 -17.60 -16.36 -7.27
C ARG A 102 -17.74 -15.47 -6.05
N ARG A 103 -17.01 -14.35 -6.00
CA ARG A 103 -17.17 -13.40 -4.91
C ARG A 103 -17.58 -12.08 -5.50
N ASP A 104 -18.67 -11.48 -4.99
CA ASP A 104 -19.14 -10.20 -5.50
C ASP A 104 -19.04 -9.11 -4.46
N TRP A 105 -18.92 -7.87 -4.89
CA TRP A 105 -18.81 -6.73 -3.98
C TRP A 105 -19.68 -5.59 -4.44
N ILE A 106 -20.24 -4.82 -3.50
CA ILE A 106 -21.01 -3.61 -3.77
C ILE A 106 -20.35 -2.53 -2.93
N LEU A 107 -19.99 -1.39 -3.56
CA LEU A 107 -19.38 -0.26 -2.86
C LEU A 107 -20.43 0.83 -2.72
N LYS A 108 -20.57 1.39 -1.53
CA LYS A 108 -21.55 2.45 -1.28
C LYS A 108 -20.95 3.66 -0.58
N ASP A 109 -21.58 4.82 -0.78
CA ASP A 109 -21.22 6.07 -0.12
C ASP A 109 -21.86 5.96 1.27
N SER A 110 -21.10 6.21 2.34
CA SER A 110 -21.64 6.12 3.69
C SER A 110 -22.55 7.30 4.08
N VAL A 111 -22.40 8.46 3.41
CA VAL A 111 -23.22 9.62 3.74
C VAL A 111 -24.55 9.64 2.98
N THR A 112 -24.56 9.14 1.74
CA THR A 112 -25.77 9.18 0.92
C THR A 112 -26.47 7.81 0.75
N GLY A 113 -25.72 6.71 0.92
CA GLY A 113 -26.25 5.37 0.74
C GLY A 113 -26.29 4.91 -0.72
N GLU A 114 -25.72 5.71 -1.63
CA GLU A 114 -25.70 5.49 -3.07
C GLU A 114 -24.58 4.51 -3.51
N VAL A 115 -24.89 3.63 -4.49
CA VAL A 115 -23.93 2.66 -5.02
C VAL A 115 -22.88 3.38 -5.87
N THR A 116 -21.64 3.44 -5.38
CA THR A 116 -20.56 4.11 -6.11
C THR A 116 -19.64 3.17 -6.90
N GLY A 117 -19.81 1.86 -6.74
CA GLY A 117 -19.00 0.88 -7.43
C GLY A 117 -19.47 -0.54 -7.19
N ARG A 118 -18.94 -1.48 -7.96
CA ARG A 118 -19.27 -2.89 -7.81
C ARG A 118 -18.19 -3.76 -8.44
N ALA A 119 -18.01 -4.98 -7.92
CA ALA A 119 -16.99 -5.88 -8.44
C ALA A 119 -17.43 -7.35 -8.42
N THR A 120 -16.79 -8.18 -9.24
CA THR A 120 -17.05 -9.61 -9.29
C THR A 120 -15.73 -10.33 -9.57
N SER A 121 -15.56 -11.54 -9.04
CA SER A 121 -14.33 -12.29 -9.26
C SER A 121 -14.61 -13.77 -9.35
N LYS A 122 -13.82 -14.50 -10.15
CA LYS A 122 -13.98 -15.94 -10.30
C LYS A 122 -12.79 -16.68 -9.72
N TRP A 123 -13.04 -17.68 -8.88
CA TRP A 123 -11.97 -18.40 -8.21
C TRP A 123 -12.04 -19.89 -8.52
N VAL A 124 -10.90 -20.48 -8.88
CA VAL A 124 -10.82 -21.92 -9.16
C VAL A 124 -9.88 -22.60 -8.15
N MET A 125 -10.08 -23.89 -7.89
CA MET A 125 -9.23 -24.62 -6.95
C MET A 125 -7.91 -25.03 -7.59
N MET A 126 -6.84 -25.05 -6.81
CA MET A 126 -5.51 -25.42 -7.33
C MET A 126 -4.71 -26.13 -6.25
N ASN A 127 -3.99 -27.21 -6.62
CA ASN A 127 -3.13 -27.88 -5.66
C ASN A 127 -1.92 -26.97 -5.44
N GLN A 128 -1.68 -26.58 -4.18
CA GLN A 128 -0.59 -25.71 -3.74
C GLN A 128 0.77 -26.09 -4.34
N ASP A 129 1.07 -27.41 -4.34
CA ASP A 129 2.35 -27.97 -4.76
C ASP A 129 2.48 -28.23 -6.26
N THR A 130 1.59 -29.04 -6.85
CA THR A 130 1.68 -29.35 -8.29
C THR A 130 1.22 -28.23 -9.22
N ARG A 131 0.49 -27.23 -8.68
CA ARG A 131 -0.09 -26.10 -9.41
C ARG A 131 -1.14 -26.54 -10.45
N ARG A 132 -1.77 -27.70 -10.22
CA ARG A 132 -2.78 -28.24 -11.13
C ARG A 132 -4.16 -27.86 -10.67
N LEU A 133 -4.96 -27.33 -11.57
CA LEU A 133 -6.32 -26.93 -11.25
C LEU A 133 -7.21 -28.11 -10.98
N GLN A 134 -8.18 -27.91 -10.09
CA GLN A 134 -9.10 -28.97 -9.73
C GLN A 134 -10.53 -28.48 -9.73
N LYS A 135 -11.46 -29.35 -10.16
CA LYS A 135 -12.88 -29.03 -10.09
C LYS A 135 -13.30 -29.21 -8.62
N VAL A 136 -14.28 -28.43 -8.18
CA VAL A 136 -14.73 -28.48 -6.79
C VAL A 136 -15.37 -29.82 -6.44
N SER A 137 -14.81 -30.53 -5.44
CA SER A 137 -15.38 -31.79 -5.00
C SER A 137 -16.70 -31.51 -4.27
N ASP A 138 -17.67 -32.44 -4.38
CA ASP A 138 -18.97 -32.26 -3.75
C ASP A 138 -18.87 -32.08 -2.23
N ASP A 139 -17.92 -32.74 -1.56
CA ASP A 139 -17.69 -32.61 -0.11
C ASP A 139 -17.26 -31.17 0.25
N VAL A 140 -16.38 -30.57 -0.57
CA VAL A 140 -15.91 -29.19 -0.39
C VAL A 140 -17.06 -28.21 -0.61
N ARG A 141 -17.90 -28.48 -1.61
CA ARG A 141 -19.07 -27.68 -1.94
C ARG A 141 -20.02 -27.53 -0.74
N ASP A 142 -20.30 -28.65 -0.02
CA ASP A 142 -21.19 -28.65 1.14
C ASP A 142 -20.60 -27.85 2.31
N GLU A 143 -19.26 -27.88 2.45
CA GLU A 143 -18.55 -27.19 3.54
C GLU A 143 -18.70 -25.66 3.52
N TYR A 144 -18.94 -25.05 2.35
CA TYR A 144 -19.15 -23.60 2.31
C TYR A 144 -20.51 -23.19 1.72
N LEU A 145 -21.39 -24.14 1.39
CA LEU A 145 -22.75 -23.79 0.95
C LEU A 145 -23.56 -23.16 2.09
N VAL A 146 -23.17 -23.44 3.36
CA VAL A 146 -23.77 -22.90 4.57
C VAL A 146 -23.45 -21.40 4.79
N PHE A 147 -22.48 -20.85 4.03
CA PHE A 147 -22.09 -19.44 4.12
C PHE A 147 -22.52 -18.62 2.87
N CYS A 148 -23.14 -19.26 1.88
CA CYS A 148 -23.55 -18.65 0.63
C CYS A 148 -25.05 -18.62 0.48
N PRO A 149 -25.61 -17.56 -0.11
CA PRO A 149 -27.07 -17.57 -0.36
C PRO A 149 -27.44 -18.64 -1.38
N GLN A 150 -28.60 -19.29 -1.22
CA GLN A 150 -29.01 -20.36 -2.14
C GLN A 150 -29.53 -19.80 -3.45
N GLU A 151 -30.33 -18.72 -3.38
CA GLU A 151 -30.82 -18.06 -4.59
C GLU A 151 -29.69 -17.25 -5.21
N PRO A 152 -29.64 -17.15 -6.56
CA PRO A 152 -28.58 -16.36 -7.19
C PRO A 152 -28.63 -14.89 -6.78
N ARG A 153 -27.50 -14.34 -6.34
CA ARG A 153 -27.39 -12.94 -5.97
C ARG A 153 -26.18 -12.38 -6.69
N LEU A 154 -26.41 -11.65 -7.80
CA LEU A 154 -25.31 -11.14 -8.62
C LEU A 154 -25.11 -9.64 -8.55
N ALA A 155 -23.85 -9.19 -8.42
CA ALA A 155 -23.54 -7.77 -8.49
C ALA A 155 -23.72 -7.30 -9.96
N PHE A 156 -23.48 -8.19 -10.94
CA PHE A 156 -23.64 -7.93 -12.36
C PHE A 156 -24.70 -8.89 -12.89
N PRO A 157 -25.99 -8.59 -12.66
CA PRO A 157 -27.03 -9.51 -13.12
C PRO A 157 -27.25 -9.56 -14.64
N GLU A 158 -27.17 -8.38 -15.33
CA GLU A 158 -27.35 -8.17 -16.78
C GLU A 158 -27.21 -9.43 -17.68
N GLU A 159 -28.03 -9.50 -18.76
CA GLU A 159 -28.08 -10.65 -19.68
C GLU A 159 -26.74 -11.00 -20.35
N ASN A 160 -26.00 -10.00 -20.83
CA ASN A 160 -24.68 -10.24 -21.44
C ASN A 160 -23.74 -9.14 -20.96
N ASN A 161 -23.46 -9.14 -19.65
CA ASN A 161 -22.63 -8.12 -19.00
C ASN A 161 -21.15 -8.21 -19.37
N ARG A 162 -20.42 -7.11 -19.17
CA ARG A 162 -19.00 -6.96 -19.50
C ARG A 162 -18.06 -7.79 -18.60
N SER A 163 -18.59 -8.42 -17.53
CA SER A 163 -17.79 -9.24 -16.62
C SER A 163 -17.58 -10.67 -17.10
N LEU A 164 -18.40 -11.15 -18.05
CA LEU A 164 -18.34 -12.52 -18.55
C LEU A 164 -17.97 -12.58 -20.05
N LYS A 165 -17.19 -11.61 -20.54
CA LYS A 165 -16.81 -11.59 -21.96
C LYS A 165 -15.34 -12.00 -22.17
N LYS A 166 -15.07 -12.81 -23.23
CA LYS A 166 -13.73 -13.28 -23.59
C LYS A 166 -12.76 -12.12 -23.96
N ILE A 167 -11.50 -12.21 -23.49
CA ILE A 167 -10.48 -11.21 -23.77
C ILE A 167 -9.46 -11.72 -24.78
N PRO A 168 -9.28 -11.00 -25.89
CA PRO A 168 -8.28 -11.43 -26.88
C PRO A 168 -6.83 -11.20 -26.45
N LYS A 169 -5.88 -11.77 -27.20
CA LYS A 169 -4.47 -11.60 -26.91
C LYS A 169 -3.91 -10.46 -27.73
N LEU A 170 -3.23 -9.53 -27.06
CA LEU A 170 -2.61 -8.36 -27.68
C LEU A 170 -1.55 -8.85 -28.68
N GLU A 171 -1.59 -8.31 -29.90
CA GLU A 171 -0.63 -8.66 -30.94
C GLU A 171 0.49 -7.63 -31.01
N ASP A 172 1.70 -8.08 -31.28
CA ASP A 172 2.84 -7.18 -31.43
C ASP A 172 2.82 -6.54 -32.84
N PRO A 173 3.26 -5.28 -32.99
CA PRO A 173 3.77 -4.39 -31.94
C PRO A 173 2.67 -3.71 -31.08
N ALA A 174 2.94 -3.57 -29.79
CA ALA A 174 2.01 -2.89 -28.90
C ALA A 174 2.10 -1.37 -29.13
N GLN A 175 1.02 -0.63 -28.86
CA GLN A 175 1.04 0.82 -29.04
C GLN A 175 1.90 1.49 -27.97
N TYR A 176 1.75 1.03 -26.71
CA TYR A 176 2.48 1.54 -25.55
C TYR A 176 3.09 0.38 -24.74
N SER A 177 4.12 0.65 -23.93
CA SER A 177 4.76 -0.39 -23.13
C SER A 177 5.54 0.16 -21.94
N MET A 178 5.63 -0.63 -20.87
CA MET A 178 6.43 -0.32 -19.71
C MET A 178 7.21 -1.59 -19.45
N ILE A 179 8.52 -1.52 -19.56
CA ILE A 179 9.45 -2.65 -19.53
C ILE A 179 10.25 -2.73 -18.24
N GLY A 180 10.63 -3.94 -17.84
CA GLY A 180 11.48 -4.17 -16.69
C GLY A 180 10.83 -4.01 -15.34
N LEU A 181 9.53 -4.29 -15.22
CA LEU A 181 8.81 -4.17 -13.95
C LEU A 181 9.14 -5.34 -13.00
N LYS A 182 9.57 -5.05 -11.77
CA LYS A 182 9.92 -6.09 -10.80
C LYS A 182 9.19 -5.85 -9.49
N PRO A 183 8.68 -6.90 -8.84
CA PRO A 183 8.04 -6.69 -7.53
C PRO A 183 9.07 -6.52 -6.41
N ARG A 184 8.78 -5.66 -5.44
CA ARG A 184 9.64 -5.51 -4.27
C ARG A 184 8.96 -6.23 -3.08
N ARG A 185 9.56 -6.25 -1.85
CA ARG A 185 8.93 -6.97 -0.74
C ARG A 185 7.56 -6.44 -0.36
N ALA A 186 7.28 -5.13 -0.57
CA ALA A 186 5.97 -4.54 -0.32
C ALA A 186 4.87 -5.09 -1.26
N ASP A 187 5.27 -5.66 -2.41
CA ASP A 187 4.34 -6.27 -3.37
C ASP A 187 3.96 -7.72 -2.99
N LEU A 188 4.63 -8.30 -1.99
CA LEU A 188 4.36 -9.66 -1.56
C LEU A 188 3.31 -9.66 -0.45
N ASP A 189 2.53 -10.73 -0.39
CA ASP A 189 1.52 -10.92 0.64
C ASP A 189 2.14 -11.69 1.83
N MET A 190 1.35 -12.11 2.83
CA MET A 190 1.89 -12.81 4.00
C MET A 190 2.48 -14.20 3.67
N ASN A 191 2.15 -14.77 2.50
CA ASN A 191 2.70 -16.07 2.08
C ASN A 191 3.83 -15.96 1.03
N GLN A 192 4.38 -14.75 0.86
CA GLN A 192 5.46 -14.37 -0.06
C GLN A 192 5.08 -14.46 -1.53
N HIS A 193 3.79 -14.48 -1.85
CA HIS A 193 3.33 -14.47 -3.24
C HIS A 193 3.10 -13.01 -3.65
N VAL A 194 3.23 -12.69 -4.95
CA VAL A 194 2.98 -11.34 -5.44
C VAL A 194 1.46 -11.12 -5.33
N ASN A 195 1.08 -10.03 -4.67
CA ASN A 195 -0.30 -9.64 -4.40
C ASN A 195 -1.06 -9.42 -5.73
N ASN A 196 -2.30 -9.89 -5.83
CA ASN A 196 -3.12 -9.76 -7.03
C ASN A 196 -3.29 -8.31 -7.49
N VAL A 197 -3.26 -7.36 -6.54
CA VAL A 197 -3.40 -5.91 -6.75
C VAL A 197 -2.21 -5.34 -7.52
N THR A 198 -1.00 -5.92 -7.33
CA THR A 198 0.22 -5.48 -8.01
C THR A 198 0.09 -5.62 -9.53
N TYR A 199 -0.59 -6.68 -9.99
CA TYR A 199 -0.81 -6.92 -11.41
C TYR A 199 -1.68 -5.84 -12.02
N ILE A 200 -2.64 -5.29 -11.26
CA ILE A 200 -3.49 -4.20 -11.72
C ILE A 200 -2.64 -2.96 -11.95
N GLY A 201 -1.76 -2.66 -11.00
CA GLY A 201 -0.85 -1.52 -11.09
C GLY A 201 0.11 -1.61 -12.24
N TRP A 202 0.63 -2.82 -12.49
CA TRP A 202 1.55 -3.09 -13.59
C TRP A 202 0.84 -2.94 -14.94
N VAL A 203 -0.45 -3.38 -15.04
CA VAL A 203 -1.25 -3.22 -16.26
C VAL A 203 -1.39 -1.71 -16.57
N LEU A 204 -1.73 -0.93 -15.55
CA LEU A 204 -1.96 0.51 -15.74
C LEU A 204 -0.70 1.34 -16.01
N GLU A 205 0.51 0.78 -15.76
CA GLU A 205 1.80 1.43 -15.99
C GLU A 205 2.07 1.76 -17.45
N SER A 206 1.49 0.99 -18.37
CA SER A 206 1.69 1.23 -19.80
C SER A 206 0.64 2.20 -20.41
N ILE A 207 -0.38 2.61 -19.64
CA ILE A 207 -1.33 3.62 -20.10
C ILE A 207 -0.58 4.96 -20.04
N PRO A 208 -0.58 5.76 -21.12
CA PRO A 208 0.12 7.06 -21.07
C PRO A 208 -0.40 7.99 -19.98
N GLN A 209 0.51 8.78 -19.39
CA GLN A 209 0.18 9.71 -18.32
C GLN A 209 -0.84 10.79 -18.77
N GLU A 210 -0.95 11.08 -20.08
CA GLU A 210 -1.93 12.03 -20.58
C GLU A 210 -3.35 11.47 -20.42
N ILE A 211 -3.53 10.19 -20.73
CA ILE A 211 -4.82 9.53 -20.57
C ILE A 211 -5.20 9.49 -19.10
N VAL A 212 -4.23 9.22 -18.21
CA VAL A 212 -4.48 9.16 -16.78
C VAL A 212 -4.84 10.55 -16.23
N ASP A 213 -4.21 11.61 -16.75
CA ASP A 213 -4.47 12.98 -16.32
C ASP A 213 -5.80 13.58 -16.87
N THR A 214 -6.26 13.11 -18.04
CA THR A 214 -7.48 13.64 -18.63
C THR A 214 -8.70 12.71 -18.57
N HIS A 215 -8.50 11.45 -18.18
CA HIS A 215 -9.60 10.48 -18.10
C HIS A 215 -9.70 9.84 -16.73
N GLU A 216 -10.84 9.21 -16.45
CA GLU A 216 -11.05 8.45 -15.21
C GLU A 216 -11.34 7.00 -15.56
N LEU A 217 -10.79 6.07 -14.78
CA LEU A 217 -11.00 4.65 -15.02
C LEU A 217 -12.42 4.22 -14.60
N GLN A 218 -13.19 3.73 -15.57
CA GLN A 218 -14.55 3.28 -15.29
C GLN A 218 -14.61 1.76 -15.08
N VAL A 219 -14.10 0.96 -16.03
CA VAL A 219 -14.11 -0.50 -15.91
C VAL A 219 -12.71 -1.08 -16.11
N ILE A 220 -12.39 -2.16 -15.40
CA ILE A 220 -11.17 -2.94 -15.57
C ILE A 220 -11.53 -4.41 -15.45
N THR A 221 -11.13 -5.23 -16.41
CA THR A 221 -11.36 -6.67 -16.38
C THR A 221 -9.98 -7.28 -16.55
N LEU A 222 -9.59 -8.16 -15.63
CA LEU A 222 -8.26 -8.74 -15.66
C LEU A 222 -8.29 -10.25 -15.47
N ASP A 223 -7.68 -10.99 -16.41
CA ASP A 223 -7.56 -12.45 -16.40
C ASP A 223 -6.19 -12.84 -15.91
N TYR A 224 -6.12 -13.77 -14.95
CA TYR A 224 -4.88 -14.25 -14.37
C TYR A 224 -4.53 -15.57 -15.04
N ARG A 225 -3.36 -15.63 -15.70
CA ARG A 225 -2.97 -16.84 -16.43
C ARG A 225 -1.82 -17.55 -15.74
N ARG A 226 -0.80 -16.81 -15.32
CA ARG A 226 0.36 -17.34 -14.62
C ARG A 226 0.78 -16.40 -13.53
N GLU A 227 1.39 -16.96 -12.49
CA GLU A 227 1.83 -16.19 -11.34
C GLU A 227 3.25 -15.64 -11.54
N CYS A 228 3.44 -14.35 -11.23
CA CYS A 228 4.76 -13.75 -11.30
C CYS A 228 5.54 -14.13 -10.03
N GLN A 229 6.71 -14.71 -10.20
CA GLN A 229 7.57 -15.06 -9.09
C GLN A 229 8.28 -13.80 -8.56
N GLN A 230 8.83 -13.91 -7.35
CA GLN A 230 9.55 -12.80 -6.70
C GLN A 230 10.76 -12.35 -7.55
N ASP A 231 11.41 -13.29 -8.25
CA ASP A 231 12.60 -12.99 -9.06
C ASP A 231 12.31 -12.85 -10.58
N ASP A 232 11.05 -12.73 -10.96
CA ASP A 232 10.66 -12.55 -12.35
C ASP A 232 10.63 -11.05 -12.71
N VAL A 233 10.77 -10.74 -14.01
CA VAL A 233 10.71 -9.38 -14.54
C VAL A 233 9.58 -9.37 -15.57
N VAL A 234 8.67 -8.39 -15.47
CA VAL A 234 7.48 -8.32 -16.31
C VAL A 234 7.48 -7.12 -17.27
N ASP A 235 6.88 -7.31 -18.45
CA ASP A 235 6.65 -6.28 -19.46
C ASP A 235 5.14 -6.03 -19.51
N SER A 236 4.75 -4.75 -19.51
CA SER A 236 3.35 -4.34 -19.55
C SER A 236 3.05 -3.72 -20.91
N LEU A 237 2.13 -4.29 -21.70
CA LEU A 237 1.82 -3.81 -23.04
C LEU A 237 0.37 -3.34 -23.17
N THR A 238 0.13 -2.25 -23.92
CA THR A 238 -1.20 -1.69 -24.10
C THR A 238 -1.43 -1.20 -25.54
N THR A 239 -2.65 -1.41 -26.07
CA THR A 239 -3.05 -0.90 -27.38
C THR A 239 -4.48 -0.33 -27.30
N THR A 240 -4.72 0.87 -27.85
CA THR A 240 -6.06 1.47 -27.87
C THR A 240 -6.92 0.70 -28.86
N THR A 241 -8.04 0.12 -28.40
CA THR A 241 -8.94 -0.61 -29.29
C THR A 241 -10.07 0.27 -29.84
N SER A 242 -10.45 1.33 -29.10
CA SER A 242 -11.50 2.25 -29.54
C SER A 242 -11.01 3.11 -30.72
N ASN A 259 -16.55 9.69 -26.87
CA ASN A 259 -16.04 10.27 -25.62
C ASN A 259 -15.28 9.25 -24.75
N ASP A 260 -15.43 7.94 -25.01
CA ASP A 260 -14.78 6.92 -24.19
C ASP A 260 -13.55 6.31 -24.85
N SER A 261 -12.63 5.80 -24.05
CA SER A 261 -11.42 5.15 -24.57
C SER A 261 -11.33 3.70 -24.07
N GLN A 262 -10.97 2.78 -24.94
CA GLN A 262 -10.82 1.37 -24.60
C GLN A 262 -9.39 0.92 -24.88
N PHE A 263 -8.86 0.06 -24.01
CA PHE A 263 -7.51 -0.45 -24.16
C PHE A 263 -7.45 -1.96 -23.98
N LEU A 264 -6.56 -2.62 -24.72
CA LEU A 264 -6.29 -4.04 -24.60
C LEU A 264 -4.93 -4.13 -23.90
N HIS A 265 -4.84 -4.98 -22.87
CA HIS A 265 -3.63 -5.09 -22.05
C HIS A 265 -3.04 -6.48 -22.01
N LEU A 266 -1.71 -6.55 -21.85
CA LEU A 266 -1.01 -7.83 -21.74
C LEU A 266 0.22 -7.72 -20.84
N LEU A 267 0.33 -8.57 -19.82
CA LEU A 267 1.52 -8.65 -18.98
C LEU A 267 2.24 -9.95 -19.39
N ARG A 268 3.55 -9.91 -19.59
CA ARG A 268 4.31 -11.09 -19.99
C ARG A 268 5.74 -11.05 -19.45
N LEU A 269 6.40 -12.21 -19.32
CA LEU A 269 7.76 -12.27 -18.80
C LEU A 269 8.71 -11.57 -19.75
N SER A 270 9.53 -10.62 -19.24
CA SER A 270 10.46 -9.84 -20.05
C SER A 270 11.35 -10.66 -20.94
N GLY A 271 11.72 -11.83 -20.47
CA GLY A 271 12.58 -12.72 -21.23
C GLY A 271 11.87 -13.47 -22.34
N ASP A 272 11.30 -14.63 -22.01
CA ASP A 272 10.69 -15.50 -23.00
C ASP A 272 9.29 -15.09 -23.50
N GLY A 273 8.70 -14.04 -22.94
CA GLY A 273 7.38 -13.60 -23.38
C GLY A 273 6.24 -14.45 -22.89
N GLN A 274 6.45 -15.20 -21.79
CA GLN A 274 5.42 -16.04 -21.18
C GLN A 274 4.30 -15.15 -20.66
N GLU A 275 3.05 -15.40 -21.10
CA GLU A 275 1.89 -14.63 -20.68
C GLU A 275 1.54 -14.83 -19.20
N ILE A 276 1.40 -13.73 -18.45
CA ILE A 276 1.01 -13.84 -17.06
C ILE A 276 -0.41 -13.27 -16.87
N ASN A 277 -0.80 -12.23 -17.66
CA ASN A 277 -2.11 -11.61 -17.57
C ASN A 277 -2.57 -11.02 -18.89
N ARG A 278 -3.87 -10.93 -19.09
CA ARG A 278 -4.49 -10.22 -20.21
C ARG A 278 -5.72 -9.48 -19.65
N GLY A 279 -5.97 -8.26 -20.13
CA GLY A 279 -7.08 -7.47 -19.61
C GLY A 279 -7.56 -6.36 -20.53
N THR A 280 -8.62 -5.67 -20.11
CA THR A 280 -9.19 -4.54 -20.85
C THR A 280 -9.59 -3.44 -19.88
N THR A 281 -9.40 -2.17 -20.26
CA THR A 281 -9.85 -1.05 -19.43
C THR A 281 -10.76 -0.13 -20.24
N LEU A 282 -11.67 0.55 -19.56
CA LEU A 282 -12.58 1.50 -20.19
C LEU A 282 -12.44 2.82 -19.43
N TRP A 283 -12.15 3.91 -20.14
CA TRP A 283 -11.92 5.21 -19.51
C TRP A 283 -12.90 6.23 -20.04
N ARG A 284 -13.45 7.06 -19.15
CA ARG A 284 -14.34 8.12 -19.59
C ARG A 284 -13.63 9.47 -19.49
N LYS A 285 -13.90 10.37 -20.44
CA LYS A 285 -13.27 11.70 -20.43
C LYS A 285 -13.82 12.49 -19.25
N LYS A 286 -12.92 13.16 -18.51
CA LYS A 286 -13.28 13.95 -17.33
C LYS A 286 -14.22 15.12 -17.65
N GLY B 2 -9.77 9.38 14.94
CA GLY B 2 -8.72 10.06 15.70
C GLY B 2 -9.14 11.41 16.27
N SER B 3 -8.43 11.88 17.31
CA SER B 3 -8.75 13.15 17.92
C SER B 3 -7.56 13.77 18.62
N LEU B 4 -7.58 15.11 18.76
CA LEU B 4 -6.58 15.84 19.53
C LEU B 4 -6.79 15.49 21.01
N THR B 5 -5.71 15.46 21.79
CA THR B 5 -5.82 15.23 23.23
C THR B 5 -6.47 16.45 23.90
N GLU B 6 -6.87 16.35 25.16
CA GLU B 6 -7.54 17.44 25.87
C GLU B 6 -6.85 18.80 25.77
N ASP B 7 -5.51 18.83 25.88
CA ASP B 7 -4.79 20.10 25.82
C ASP B 7 -4.66 20.70 24.38
N GLY B 8 -5.02 19.91 23.36
CA GLY B 8 -4.93 20.31 21.95
C GLY B 8 -3.51 20.38 21.43
N LEU B 9 -2.53 19.81 22.16
CA LEU B 9 -1.12 19.90 21.75
C LEU B 9 -0.53 18.61 21.16
N SER B 10 -1.36 17.58 20.95
CA SER B 10 -0.97 16.32 20.31
C SER B 10 -2.22 15.62 19.72
N TYR B 11 -2.03 14.61 18.87
CA TYR B 11 -3.14 13.93 18.20
C TYR B 11 -3.01 12.40 18.32
N LYS B 12 -4.13 11.69 18.59
CA LYS B 12 -4.15 10.24 18.74
C LYS B 12 -5.06 9.58 17.71
N GLU B 13 -4.69 8.38 17.25
CA GLU B 13 -5.52 7.65 16.30
C GLU B 13 -5.29 6.15 16.41
N LYS B 14 -6.36 5.36 16.32
CA LYS B 14 -6.29 3.91 16.40
C LYS B 14 -6.37 3.32 14.99
N PHE B 15 -5.53 2.31 14.72
CA PHE B 15 -5.51 1.66 13.41
C PHE B 15 -5.63 0.14 13.55
N VAL B 16 -6.53 -0.49 12.80
CA VAL B 16 -6.64 -1.95 12.80
C VAL B 16 -5.74 -2.46 11.68
N VAL B 17 -4.79 -3.33 12.00
CA VAL B 17 -3.84 -3.84 10.99
C VAL B 17 -4.53 -4.79 9.96
N ARG B 18 -4.41 -4.46 8.67
CA ARG B 18 -5.02 -5.17 7.55
C ARG B 18 -4.21 -6.35 7.04
N SER B 19 -4.88 -7.29 6.34
CA SER B 19 -4.26 -8.48 5.76
C SER B 19 -3.15 -8.17 4.78
N TYR B 20 -3.34 -7.16 3.92
CA TYR B 20 -2.31 -6.81 2.94
C TYR B 20 -1.17 -5.93 3.54
N GLU B 21 -1.33 -5.48 4.79
CA GLU B 21 -0.33 -4.66 5.47
C GLU B 21 0.73 -5.47 6.23
N VAL B 22 0.61 -6.82 6.28
CA VAL B 22 1.53 -7.66 7.04
C VAL B 22 2.48 -8.48 6.18
N GLY B 23 3.63 -8.85 6.77
CA GLY B 23 4.64 -9.68 6.11
C GLY B 23 4.51 -11.16 6.41
N SER B 24 5.60 -11.91 6.22
CA SER B 24 5.59 -13.37 6.45
C SER B 24 5.35 -13.80 7.90
N ASN B 25 5.77 -12.99 8.90
CA ASN B 25 5.51 -13.33 10.30
C ASN B 25 4.08 -12.89 10.79
N LYS B 26 3.20 -12.51 9.84
CA LYS B 26 1.82 -12.05 10.07
C LYS B 26 1.75 -10.79 10.95
N THR B 27 2.80 -9.98 10.94
CA THR B 27 2.87 -8.70 11.63
C THR B 27 3.15 -7.60 10.62
N ALA B 28 2.76 -6.36 10.95
CA ALA B 28 2.89 -5.21 10.07
C ALA B 28 4.33 -4.98 9.63
N THR B 29 4.52 -4.63 8.37
CA THR B 29 5.84 -4.30 7.86
C THR B 29 6.23 -2.87 8.35
N VAL B 30 7.54 -2.55 8.35
CA VAL B 30 8.00 -1.22 8.74
C VAL B 30 7.49 -0.14 7.77
N GLU B 31 7.21 -0.52 6.50
CA GLU B 31 6.61 0.35 5.49
C GLU B 31 5.15 0.64 5.86
N THR B 32 4.42 -0.36 6.42
CA THR B 32 3.06 -0.13 6.88
C THR B 32 3.09 0.84 8.06
N ILE B 33 4.03 0.68 9.00
CA ILE B 33 4.17 1.58 10.14
C ILE B 33 4.46 3.00 9.66
N ALA B 34 5.40 3.16 8.71
CA ALA B 34 5.77 4.45 8.12
C ALA B 34 4.59 5.16 7.45
N ASN B 35 3.68 4.40 6.84
CA ASN B 35 2.46 4.93 6.21
C ASN B 35 1.49 5.42 7.29
N LEU B 36 1.37 4.66 8.38
CA LEU B 36 0.48 5.02 9.49
C LEU B 36 0.95 6.28 10.21
N LEU B 37 2.27 6.45 10.38
CA LEU B 37 2.83 7.66 10.99
C LEU B 37 2.56 8.87 10.09
N GLN B 38 2.69 8.68 8.77
CA GLN B 38 2.43 9.73 7.79
C GLN B 38 0.93 10.12 7.84
N GLU B 39 0.05 9.12 7.89
CA GLU B 39 -1.41 9.30 7.98
C GLU B 39 -1.83 10.04 9.26
N VAL B 40 -1.28 9.65 10.42
CA VAL B 40 -1.64 10.29 11.68
C VAL B 40 -1.07 11.74 11.75
N GLY B 41 0.04 12.00 11.07
CA GLY B 41 0.61 13.34 10.99
C GLY B 41 -0.23 14.26 10.11
N CYS B 42 -0.85 13.70 9.06
CA CYS B 42 -1.73 14.44 8.16
C CYS B 42 -3.01 14.78 8.89
N ASN B 43 -3.57 13.82 9.64
CA ASN B 43 -4.82 14.08 10.36
C ASN B 43 -4.63 15.08 11.52
N HIS B 44 -3.42 15.15 12.08
CA HIS B 44 -3.10 16.12 13.12
C HIS B 44 -3.14 17.52 12.50
N ALA B 45 -2.53 17.69 11.32
CA ALA B 45 -2.50 18.97 10.60
C ALA B 45 -3.92 19.41 10.19
N GLN B 46 -4.75 18.49 9.72
CA GLN B 46 -6.11 18.81 9.29
C GLN B 46 -6.97 19.25 10.46
N SER B 47 -6.81 18.57 11.60
CA SER B 47 -7.57 18.90 12.80
C SER B 47 -7.17 20.21 13.45
N VAL B 48 -5.97 20.75 13.15
CA VAL B 48 -5.54 22.02 13.72
C VAL B 48 -5.68 23.20 12.74
N GLY B 49 -6.44 23.04 11.67
CA GLY B 49 -6.69 24.11 10.72
C GLY B 49 -5.74 24.24 9.55
N PHE B 50 -5.34 23.11 8.95
CA PHE B 50 -4.51 23.14 7.76
C PHE B 50 -5.25 22.38 6.66
N SER B 51 -5.64 23.06 5.57
CA SER B 51 -6.36 22.40 4.48
C SER B 51 -5.41 21.65 3.54
N ALA B 56 0.75 20.65 5.58
CA ALA B 56 0.64 21.63 6.65
C ALA B 56 1.48 22.85 6.28
N THR B 57 1.13 23.51 5.18
CA THR B 57 1.88 24.64 4.66
C THR B 57 1.40 26.02 5.14
N THR B 58 0.70 26.10 6.28
CA THR B 58 0.25 27.37 6.89
C THR B 58 -0.34 28.41 5.83
N THR B 59 -0.58 29.69 6.21
CA THR B 59 -1.10 30.70 5.30
C THR B 59 0.04 31.54 4.72
N THR B 60 1.05 31.85 5.53
CA THR B 60 2.20 32.63 5.07
C THR B 60 3.07 31.81 4.09
N MET B 61 3.30 30.51 4.38
CA MET B 61 4.09 29.65 3.50
C MET B 61 3.46 29.49 2.12
N ARG B 62 2.11 29.54 2.03
CA ARG B 62 1.44 29.42 0.74
C ARG B 62 1.71 30.65 -0.13
N LYS B 63 1.73 31.83 0.49
CA LYS B 63 2.04 33.06 -0.23
C LYS B 63 3.51 33.07 -0.70
N LEU B 64 4.41 32.46 0.08
CA LEU B 64 5.81 32.40 -0.27
C LEU B 64 6.24 31.21 -1.13
N HIS B 65 5.32 30.26 -1.41
CA HIS B 65 5.62 29.04 -2.16
C HIS B 65 6.63 28.18 -1.36
N LEU B 66 6.39 28.04 -0.07
CA LEU B 66 7.25 27.29 0.83
C LEU B 66 6.58 26.01 1.28
N ILE B 67 7.35 24.92 1.38
CA ILE B 67 6.85 23.62 1.84
C ILE B 67 7.79 22.99 2.87
N TRP B 68 7.29 22.01 3.63
CA TRP B 68 8.09 21.27 4.59
C TRP B 68 8.63 20.06 3.91
N VAL B 69 9.93 19.81 4.01
CA VAL B 69 10.51 18.61 3.43
C VAL B 69 11.25 17.83 4.52
N THR B 70 11.11 16.49 4.53
CA THR B 70 11.80 15.67 5.53
C THR B 70 13.30 15.61 5.22
N ALA B 71 14.10 15.82 6.24
CA ALA B 71 15.55 15.74 6.17
C ALA B 71 16.02 14.39 6.76
N ARG B 72 15.34 13.90 7.78
CA ARG B 72 15.71 12.67 8.47
C ARG B 72 14.47 12.03 9.12
N MET B 73 14.37 10.70 9.04
CA MET B 73 13.31 9.91 9.68
C MET B 73 14.00 8.81 10.48
N HIS B 74 13.60 8.63 11.74
CA HIS B 74 14.20 7.62 12.59
C HIS B 74 13.09 6.80 13.28
N ILE B 75 13.05 5.49 13.04
CA ILE B 75 12.02 4.63 13.62
C ILE B 75 12.62 3.51 14.48
N GLU B 76 12.12 3.32 15.70
N GLU B 76 12.10 3.33 15.70
N GLU B 76 12.12 3.32 15.70
CA GLU B 76 12.57 2.25 16.58
CA GLU B 76 12.54 2.26 16.60
CA GLU B 76 12.57 2.25 16.58
C GLU B 76 11.36 1.43 17.01
C GLU B 76 11.33 1.43 17.00
C GLU B 76 11.36 1.43 17.01
N ILE B 77 11.29 0.16 16.58
CA ILE B 77 10.17 -0.73 16.90
C ILE B 77 10.54 -1.84 17.87
N TYR B 78 9.71 -2.07 18.90
CA TYR B 78 9.95 -3.15 19.87
C TYR B 78 9.08 -4.35 19.54
N LYS B 79 7.81 -4.11 19.20
CA LYS B 79 6.86 -5.17 18.85
C LYS B 79 6.00 -4.71 17.69
N TYR B 80 6.05 -5.44 16.58
CA TYR B 80 5.25 -5.11 15.41
C TYR B 80 3.82 -5.60 15.62
N PRO B 81 2.82 -4.74 15.38
CA PRO B 81 1.43 -5.17 15.59
C PRO B 81 1.03 -6.29 14.63
N ALA B 82 0.39 -7.32 15.15
CA ALA B 82 -0.04 -8.44 14.32
C ALA B 82 -1.33 -8.10 13.54
N TRP B 83 -1.57 -8.85 12.47
CA TRP B 83 -2.74 -8.77 11.61
C TRP B 83 -4.03 -8.89 12.45
N GLY B 84 -4.85 -7.85 12.44
CA GLY B 84 -6.08 -7.83 13.21
C GLY B 84 -5.97 -7.06 14.53
N ASP B 85 -4.76 -6.72 14.95
CA ASP B 85 -4.56 -5.97 16.19
C ASP B 85 -4.81 -4.47 16.00
N VAL B 86 -5.09 -3.77 17.10
CA VAL B 86 -5.30 -2.33 17.06
C VAL B 86 -4.06 -1.63 17.63
N VAL B 87 -3.48 -0.70 16.87
CA VAL B 87 -2.31 0.05 17.34
C VAL B 87 -2.72 1.52 17.52
N GLU B 88 -2.42 2.13 18.68
CA GLU B 88 -2.76 3.55 18.87
C GLU B 88 -1.50 4.39 18.72
N ILE B 89 -1.54 5.41 17.84
CA ILE B 89 -0.37 6.25 17.60
C ILE B 89 -0.62 7.70 18.04
N GLU B 90 0.27 8.22 18.88
CA GLU B 90 0.17 9.61 19.31
C GLU B 90 1.29 10.43 18.65
N THR B 91 0.96 11.59 18.07
CA THR B 91 1.93 12.42 17.38
C THR B 91 1.87 13.87 17.79
N TRP B 92 3.01 14.55 17.79
CA TRP B 92 3.07 15.97 18.12
C TRP B 92 4.22 16.64 17.37
N CYS B 93 4.15 17.97 17.26
CA CYS B 93 5.14 18.79 16.57
C CYS B 93 5.88 19.69 17.54
N GLN B 94 7.08 20.12 17.16
CA GLN B 94 7.84 21.07 17.97
C GLN B 94 8.79 21.91 17.12
N SER B 95 9.05 23.16 17.52
CA SER B 95 9.99 24.01 16.81
C SER B 95 11.38 23.72 17.32
N GLU B 96 12.38 23.80 16.44
CA GLU B 96 13.76 23.59 16.84
C GLU B 96 14.60 24.82 16.47
N GLY B 97 14.08 26.00 16.76
CA GLY B 97 14.74 27.25 16.44
C GLY B 97 14.51 27.63 14.99
N ARG B 98 15.54 28.11 14.30
CA ARG B 98 15.40 28.46 12.89
C ARG B 98 15.81 27.32 11.93
N ILE B 99 16.23 26.17 12.45
CA ILE B 99 16.64 25.04 11.62
C ILE B 99 15.41 24.43 10.94
N GLY B 100 14.36 24.23 11.72
CA GLY B 100 13.13 23.65 11.22
C GLY B 100 12.22 23.15 12.32
N THR B 101 11.42 22.14 12.00
CA THR B 101 10.49 21.54 12.95
C THR B 101 10.78 20.05 13.14
N ARG B 102 10.27 19.50 14.23
CA ARG B 102 10.44 18.10 14.54
C ARG B 102 9.07 17.47 14.80
N ARG B 103 8.81 16.27 14.29
CA ARG B 103 7.56 15.59 14.59
C ARG B 103 7.91 14.27 15.24
N ASP B 104 7.35 14.00 16.43
CA ASP B 104 7.59 12.74 17.14
C ASP B 104 6.35 11.86 17.17
N TRP B 105 6.53 10.55 17.33
CA TRP B 105 5.42 9.61 17.40
C TRP B 105 5.67 8.58 18.48
N ILE B 106 4.61 8.10 19.14
CA ILE B 106 4.64 7.03 20.12
C ILE B 106 3.61 6.02 19.67
N LEU B 107 4.01 4.75 19.54
CA LEU B 107 3.12 3.67 19.14
C LEU B 107 2.79 2.82 20.36
N LYS B 108 1.51 2.53 20.57
CA LYS B 108 1.08 1.74 21.72
C LYS B 108 0.16 0.59 21.33
N ASP B 109 0.15 -0.45 22.17
CA ASP B 109 -0.75 -1.59 22.04
C ASP B 109 -2.08 -1.12 22.61
N SER B 110 -3.19 -1.31 21.88
CA SER B 110 -4.49 -0.86 22.35
C SER B 110 -5.09 -1.75 23.45
N VAL B 111 -4.65 -3.02 23.54
CA VAL B 111 -5.19 -3.94 24.55
C VAL B 111 -4.43 -3.86 25.88
N THR B 112 -3.11 -3.60 25.83
CA THR B 112 -2.30 -3.56 27.05
C THR B 112 -1.88 -2.15 27.48
N GLY B 113 -1.86 -1.20 26.55
CA GLY B 113 -1.40 0.16 26.82
C GLY B 113 0.11 0.34 26.81
N GLU B 114 0.84 -0.71 26.42
CA GLU B 114 2.31 -0.75 26.39
C GLU B 114 2.91 -0.09 25.13
N VAL B 115 4.04 0.63 25.30
CA VAL B 115 4.75 1.30 24.19
C VAL B 115 5.43 0.25 23.32
N THR B 116 4.94 0.05 22.10
CA THR B 116 5.52 -0.94 21.18
C THR B 116 6.46 -0.33 20.12
N GLY B 117 6.54 0.99 20.05
CA GLY B 117 7.40 1.67 19.10
C GLY B 117 7.44 3.17 19.30
N ARG B 118 8.37 3.84 18.62
N ARG B 118 8.37 3.84 18.62
N ARG B 118 8.38 3.85 18.63
CA ARG B 118 8.52 5.30 18.68
CA ARG B 118 8.52 5.30 18.68
CA ARG B 118 8.53 5.29 18.68
C ARG B 118 9.29 5.82 17.48
C ARG B 118 9.29 5.82 17.48
C ARG B 118 9.29 5.82 17.48
N ALA B 119 8.97 7.04 17.04
CA ALA B 119 9.63 7.63 15.88
C ALA B 119 9.89 9.13 16.04
N THR B 120 10.84 9.65 15.28
CA THR B 120 11.15 11.08 15.27
C THR B 120 11.56 11.47 13.85
N SER B 121 11.26 12.71 13.45
CA SER B 121 11.59 13.17 12.13
C SER B 121 11.97 14.65 12.12
N LYS B 122 12.90 15.04 11.24
CA LYS B 122 13.31 16.44 11.14
C LYS B 122 12.88 17.03 9.81
N TRP B 123 12.23 18.19 9.85
CA TRP B 123 11.69 18.82 8.66
C TRP B 123 12.28 20.21 8.46
N VAL B 124 12.74 20.50 7.24
CA VAL B 124 13.28 21.81 6.90
C VAL B 124 12.41 22.48 5.82
N MET B 125 12.41 23.80 5.78
CA MET B 125 11.63 24.53 4.79
C MET B 125 12.33 24.56 3.43
N MET B 126 11.56 24.53 2.35
CA MET B 126 12.12 24.56 1.00
C MET B 126 11.18 25.32 0.08
N ASN B 127 11.74 26.16 -0.81
CA ASN B 127 10.92 26.84 -1.81
C ASN B 127 10.52 25.79 -2.84
N GLN B 128 9.20 25.60 -3.04
CA GLN B 128 8.60 24.64 -3.97
C GLN B 128 9.24 24.67 -5.37
N ASP B 129 9.50 25.88 -5.89
CA ASP B 129 10.01 26.10 -7.24
C ASP B 129 11.53 26.05 -7.38
N THR B 130 12.28 26.89 -6.64
CA THR B 130 13.75 26.91 -6.75
C THR B 130 14.44 25.73 -6.07
N ARG B 131 13.73 25.02 -5.18
CA ARG B 131 14.24 23.88 -4.40
C ARG B 131 15.34 24.28 -3.42
N ARG B 132 15.35 25.55 -3.00
CA ARG B 132 16.36 26.07 -2.08
C ARG B 132 15.85 26.03 -0.67
N LEU B 133 16.65 25.47 0.23
CA LEU B 133 16.27 25.39 1.63
C LEU B 133 16.27 26.75 2.29
N GLN B 134 15.34 26.96 3.21
CA GLN B 134 15.23 28.24 3.89
C GLN B 134 15.15 28.04 5.39
N LYS B 135 15.80 28.93 6.15
CA LYS B 135 15.70 28.89 7.60
C LYS B 135 14.30 29.39 7.99
N VAL B 136 13.76 28.94 9.13
CA VAL B 136 12.40 29.32 9.53
C VAL B 136 12.37 30.74 10.07
N SER B 137 11.53 31.58 9.48
CA SER B 137 11.43 32.98 9.90
C SER B 137 10.27 33.24 10.86
N ASP B 138 10.27 34.41 11.53
CA ASP B 138 9.18 34.89 12.38
C ASP B 138 7.88 34.97 11.54
N ASP B 139 6.72 35.01 12.20
CA ASP B 139 5.40 35.00 11.54
C ASP B 139 5.07 33.56 11.19
N VAL B 140 6.02 32.84 10.58
CA VAL B 140 5.86 31.43 10.29
C VAL B 140 5.99 30.65 11.60
N ARG B 141 7.00 30.97 12.43
CA ARG B 141 7.18 30.30 13.72
C ARG B 141 5.98 30.54 14.62
N ASP B 142 5.51 31.79 14.68
CA ASP B 142 4.36 32.18 15.49
C ASP B 142 3.06 31.50 15.04
N GLU B 143 2.94 31.24 13.73
CA GLU B 143 1.76 30.61 13.14
C GLU B 143 1.50 29.19 13.65
N TYR B 144 2.55 28.40 13.94
CA TYR B 144 2.33 27.04 14.44
C TYR B 144 2.89 26.80 15.84
N LEU B 145 3.40 27.83 16.53
CA LEU B 145 3.82 27.67 17.93
C LEU B 145 2.59 27.45 18.86
N VAL B 146 1.40 27.88 18.42
CA VAL B 146 0.12 27.70 19.08
C VAL B 146 -0.38 26.24 19.05
N PHE B 147 0.24 25.37 18.22
CA PHE B 147 -0.12 23.96 18.11
C PHE B 147 0.96 23.02 18.71
N CYS B 148 2.05 23.58 19.23
CA CYS B 148 3.18 22.82 19.77
C CYS B 148 3.32 23.06 21.25
N PRO B 149 3.71 22.02 22.02
CA PRO B 149 3.96 22.23 23.46
C PRO B 149 5.17 23.16 23.66
N GLN B 150 5.12 24.01 24.70
CA GLN B 150 6.20 24.96 24.95
C GLN B 150 7.40 24.27 25.59
N GLU B 151 7.15 23.38 26.55
CA GLU B 151 8.23 22.63 27.18
C GLU B 151 8.69 21.51 26.23
N PRO B 152 9.99 21.17 26.23
CA PRO B 152 10.46 20.09 25.34
C PRO B 152 9.77 18.77 25.64
N ARG B 153 9.24 18.11 24.61
CA ARG B 153 8.60 16.81 24.75
C ARG B 153 9.21 15.91 23.68
N LEU B 154 10.16 15.04 24.06
CA LEU B 154 10.86 14.20 23.10
C LEU B 154 10.51 12.72 23.17
N ALA B 155 10.29 12.08 22.02
CA ALA B 155 10.10 10.63 21.98
C ALA B 155 11.45 9.94 22.26
N PHE B 156 12.58 10.58 21.89
CA PHE B 156 13.94 10.11 22.14
C PHE B 156 14.64 11.13 23.02
N PRO B 157 14.37 11.13 24.33
CA PRO B 157 14.99 12.14 25.21
C PRO B 157 16.49 11.97 25.45
N GLU B 158 17.00 10.73 25.57
CA GLU B 158 18.44 10.42 25.79
C GLU B 158 19.43 11.44 25.13
N GLU B 159 20.29 12.10 25.94
CA GLU B 159 21.23 13.10 25.42
C GLU B 159 22.24 12.43 24.47
N ASN B 160 22.30 12.91 23.21
CA ASN B 160 23.14 12.36 22.14
C ASN B 160 22.73 10.91 21.82
N ASN B 161 21.53 10.75 21.25
CA ASN B 161 20.95 9.44 20.92
C ASN B 161 21.14 9.02 19.44
N ARG B 162 20.62 7.85 19.05
CA ARG B 162 20.73 7.29 17.70
C ARG B 162 20.09 8.13 16.60
N SER B 163 19.07 8.94 16.96
CA SER B 163 18.36 9.78 15.98
C SER B 163 19.10 11.06 15.61
N LEU B 164 20.10 11.47 16.41
CA LEU B 164 20.88 12.68 16.16
C LEU B 164 22.34 12.36 15.81
N LYS B 165 22.60 11.18 15.22
CA LYS B 165 23.97 10.77 14.89
C LYS B 165 24.26 10.85 13.39
N LYS B 166 25.47 11.29 13.03
CA LYS B 166 25.93 11.42 11.65
C LYS B 166 26.03 10.07 10.93
N ILE B 167 25.59 9.99 9.66
CA ILE B 167 25.64 8.76 8.87
C ILE B 167 26.73 8.88 7.80
N PRO B 168 27.70 7.93 7.79
CA PRO B 168 28.74 7.98 6.76
C PRO B 168 28.25 7.57 5.36
N LYS B 169 29.08 7.81 4.34
CA LYS B 169 28.75 7.45 2.98
C LYS B 169 29.34 6.08 2.67
N LEU B 170 28.51 5.18 2.15
CA LEU B 170 28.91 3.83 1.77
C LEU B 170 29.96 3.92 0.67
N GLU B 171 31.07 3.19 0.83
CA GLU B 171 32.12 3.18 -0.17
C GLU B 171 31.99 1.95 -1.06
N ASP B 172 32.33 2.10 -2.33
CA ASP B 172 32.31 1.00 -3.27
C ASP B 172 33.57 0.14 -3.09
N PRO B 173 33.49 -1.19 -3.30
CA PRO B 173 32.29 -1.96 -3.66
C PRO B 173 31.34 -2.25 -2.48
N ALA B 174 30.04 -2.22 -2.74
CA ALA B 174 29.04 -2.54 -1.73
C ALA B 174 29.00 -4.07 -1.53
N GLN B 175 28.57 -4.53 -0.34
CA GLN B 175 28.50 -5.98 -0.09
C GLN B 175 27.31 -6.58 -0.84
N TYR B 176 26.16 -5.88 -0.80
CA TYR B 176 24.91 -6.29 -1.46
C TYR B 176 24.33 -5.13 -2.30
N SER B 177 23.49 -5.43 -3.28
CA SER B 177 22.89 -4.40 -4.12
C SER B 177 21.61 -4.85 -4.82
N MET B 178 20.70 -3.91 -5.08
CA MET B 178 19.49 -4.15 -5.83
C MET B 178 19.46 -3.02 -6.85
N ILE B 179 19.65 -3.32 -8.14
CA ILE B 179 19.73 -2.27 -9.16
C ILE B 179 18.50 -2.22 -10.08
N GLY B 180 18.28 -1.06 -10.68
CA GLY B 180 17.19 -0.80 -11.60
C GLY B 180 15.83 -0.61 -10.96
N LEU B 181 15.77 -0.05 -9.73
CA LEU B 181 14.51 0.18 -9.03
C LEU B 181 13.80 1.42 -9.59
N LYS B 182 12.53 1.30 -9.98
CA LYS B 182 11.77 2.42 -10.54
C LYS B 182 10.44 2.55 -9.81
N PRO B 183 10.00 3.78 -9.50
CA PRO B 183 8.68 3.93 -8.89
C PRO B 183 7.53 3.78 -9.89
N ARG B 184 6.42 3.19 -9.46
CA ARG B 184 5.23 3.10 -10.32
C ARG B 184 4.20 4.14 -9.81
N ARG B 185 3.00 4.27 -10.43
CA ARG B 185 2.04 5.28 -9.99
C ARG B 185 1.58 5.10 -8.54
N ALA B 186 1.55 3.85 -8.03
CA ALA B 186 1.21 3.57 -6.63
C ALA B 186 2.25 4.13 -5.64
N ASP B 187 3.47 4.40 -6.10
CA ASP B 187 4.54 4.99 -5.28
C ASP B 187 4.44 6.52 -5.17
N LEU B 188 3.55 7.15 -5.97
CA LEU B 188 3.37 8.59 -5.97
C LEU B 188 2.29 8.98 -4.96
N ASP B 189 2.42 10.20 -4.40
CA ASP B 189 1.41 10.73 -3.48
C ASP B 189 0.37 11.56 -4.27
N MET B 190 -0.52 12.31 -3.59
CA MET B 190 -1.52 13.12 -4.27
C MET B 190 -0.95 14.29 -5.09
N ASN B 191 0.32 14.67 -4.84
CA ASN B 191 0.99 15.75 -5.58
C ASN B 191 1.96 15.24 -6.66
N GLN B 192 1.89 13.94 -7.00
CA GLN B 192 2.70 13.24 -8.00
C GLN B 192 4.18 13.08 -7.62
N HIS B 193 4.55 13.31 -6.36
CA HIS B 193 5.92 13.08 -5.90
C HIS B 193 6.05 11.64 -5.36
N VAL B 194 7.28 11.07 -5.38
CA VAL B 194 7.52 9.73 -4.82
C VAL B 194 7.39 9.89 -3.29
N ASN B 195 6.50 9.14 -2.59
CA ASN B 195 6.37 9.39 -1.14
C ASN B 195 7.54 8.79 -0.34
N ASN B 196 7.84 9.39 0.82
CA ASN B 196 9.00 9.05 1.63
C ASN B 196 9.06 7.57 2.07
N VAL B 197 7.94 6.86 2.09
CA VAL B 197 7.87 5.45 2.48
C VAL B 197 8.52 4.54 1.43
N THR B 198 8.42 4.91 0.11
CA THR B 198 9.00 4.15 -1.01
C THR B 198 10.52 4.02 -0.87
N TYR B 199 11.18 5.08 -0.36
CA TYR B 199 12.62 5.08 -0.13
C TYR B 199 13.02 4.09 0.92
N ILE B 200 12.18 3.88 1.95
CA ILE B 200 12.44 2.90 3.00
C ILE B 200 12.44 1.50 2.39
N GLY B 201 11.43 1.23 1.56
CA GLY B 201 11.29 -0.04 0.88
C GLY B 201 12.44 -0.36 -0.05
N TRP B 202 12.92 0.68 -0.78
CA TRP B 202 14.05 0.57 -1.70
C TRP B 202 15.35 0.31 -0.94
N VAL B 203 15.53 0.93 0.24
CA VAL B 203 16.71 0.69 1.11
C VAL B 203 16.73 -0.78 1.52
N LEU B 204 15.58 -1.29 1.97
CA LEU B 204 15.50 -2.67 2.45
C LEU B 204 15.61 -3.74 1.37
N GLU B 205 15.46 -3.38 0.08
CA GLU B 205 15.55 -4.30 -1.05
C GLU B 205 16.92 -4.93 -1.22
N SER B 206 17.97 -4.26 -0.77
CA SER B 206 19.33 -4.78 -0.88
C SER B 206 19.76 -5.65 0.33
N ILE B 207 18.94 -5.70 1.40
CA ILE B 207 19.21 -6.59 2.54
C ILE B 207 18.89 -8.01 2.04
N PRO B 208 19.81 -8.98 2.20
CA PRO B 208 19.51 -10.35 1.75
C PRO B 208 18.27 -10.96 2.41
N GLN B 209 17.55 -11.79 1.65
CA GLN B 209 16.33 -12.44 2.11
C GLN B 209 16.59 -13.37 3.33
N GLU B 210 17.83 -13.84 3.50
CA GLU B 210 18.23 -14.70 4.62
C GLU B 210 18.22 -13.90 5.94
N ILE B 211 18.65 -12.64 5.90
CA ILE B 211 18.61 -11.75 7.05
C ILE B 211 17.17 -11.36 7.37
N VAL B 212 16.34 -11.13 6.36
CA VAL B 212 14.94 -10.76 6.55
C VAL B 212 14.15 -11.92 7.14
N ASP B 213 14.47 -13.16 6.73
CA ASP B 213 13.80 -14.36 7.24
C ASP B 213 14.24 -14.78 8.66
N THR B 214 15.47 -14.45 9.06
CA THR B 214 15.97 -14.85 10.38
C THR B 214 16.08 -13.72 11.40
N HIS B 215 15.92 -12.47 10.96
CA HIS B 215 16.04 -11.31 11.85
C HIS B 215 14.81 -10.43 11.81
N GLU B 216 14.66 -9.55 12.82
CA GLU B 216 13.59 -8.56 12.86
C GLU B 216 14.20 -7.17 12.87
N LEU B 217 13.60 -6.23 12.13
CA LEU B 217 14.10 -4.86 12.09
C LEU B 217 13.78 -4.11 13.38
N GLN B 218 14.84 -3.67 14.08
CA GLN B 218 14.66 -2.93 15.32
C GLN B 218 14.73 -1.41 15.09
N VAL B 219 15.82 -0.92 14.47
CA VAL B 219 15.97 0.52 14.21
C VAL B 219 16.26 0.78 12.74
N ILE B 220 15.76 1.90 12.21
CA ILE B 220 16.04 2.40 10.87
C ILE B 220 16.20 3.92 10.96
N THR B 221 17.29 4.45 10.43
CA THR B 221 17.55 5.89 10.40
C THR B 221 17.81 6.19 8.94
N LEU B 222 17.07 7.13 8.37
CA LEU B 222 17.19 7.45 6.96
C LEU B 222 17.28 8.95 6.71
N ASP B 223 18.33 9.37 6.00
CA ASP B 223 18.60 10.75 5.60
C ASP B 223 18.17 10.98 4.17
N TYR B 224 17.40 12.02 3.91
CA TYR B 224 16.90 12.36 2.59
C TYR B 224 17.80 13.45 2.00
N ARG B 225 18.45 13.18 0.87
CA ARG B 225 19.38 14.12 0.26
C ARG B 225 18.82 14.73 -1.01
N ARG B 226 18.35 13.90 -1.95
CA ARG B 226 17.73 14.35 -3.19
C ARG B 226 16.43 13.58 -3.40
N GLU B 227 15.51 14.17 -4.16
CA GLU B 227 14.24 13.55 -4.45
C GLU B 227 14.31 12.72 -5.73
N CYS B 228 13.78 11.50 -5.69
CA CYS B 228 13.72 10.65 -6.87
C CYS B 228 12.53 11.11 -7.73
N GLN B 229 12.80 11.42 -8.99
CA GLN B 229 11.76 11.82 -9.93
C GLN B 229 11.01 10.57 -10.40
N GLN B 230 9.82 10.77 -10.99
CA GLN B 230 8.98 9.70 -11.51
C GLN B 230 9.73 8.88 -12.59
N ASP B 231 10.57 9.54 -13.40
CA ASP B 231 11.31 8.87 -14.48
C ASP B 231 12.79 8.53 -14.14
N ASP B 232 13.15 8.58 -12.86
CA ASP B 232 14.49 8.22 -12.41
C ASP B 232 14.57 6.72 -12.10
N VAL B 233 15.78 6.16 -12.15
CA VAL B 233 16.06 4.76 -11.83
C VAL B 233 17.07 4.77 -10.68
N VAL B 234 16.81 4.01 -9.62
CA VAL B 234 17.62 4.00 -8.42
C VAL B 234 18.34 2.68 -8.19
N ASP B 235 19.55 2.74 -7.59
CA ASP B 235 20.34 1.60 -7.14
C ASP B 235 20.36 1.63 -5.62
N SER B 236 20.12 0.48 -4.99
CA SER B 236 20.09 0.33 -3.55
C SER B 236 21.32 -0.46 -3.10
N LEU B 237 22.22 0.12 -2.29
CA LEU B 237 23.45 -0.54 -1.86
C LEU B 237 23.50 -0.75 -0.34
N THR B 238 24.05 -1.89 0.10
CA THR B 238 24.13 -2.22 1.52
C THR B 238 25.45 -2.92 1.87
N THR B 239 26.02 -2.59 3.04
CA THR B 239 27.21 -3.25 3.58
C THR B 239 27.03 -3.53 5.08
N THR B 240 27.35 -4.75 5.55
CA THR B 240 27.27 -5.09 6.97
C THR B 240 28.40 -4.35 7.71
N THR B 241 28.07 -3.51 8.69
CA THR B 241 29.10 -2.81 9.45
C THR B 241 29.47 -3.55 10.74
N SER B 242 28.56 -4.37 11.28
CA SER B 242 28.83 -5.14 12.49
C SER B 242 29.81 -6.29 12.20
N ASP B 260 23.36 -9.08 17.27
CA ASP B 260 22.72 -8.05 16.45
C ASP B 260 23.48 -7.81 15.14
N SER B 261 22.78 -7.32 14.11
CA SER B 261 23.39 -7.02 12.83
C SER B 261 23.17 -5.56 12.47
N GLN B 262 24.21 -4.90 11.95
CA GLN B 262 24.13 -3.50 11.54
C GLN B 262 24.47 -3.38 10.06
N PHE B 263 23.78 -2.48 9.36
CA PHE B 263 24.01 -2.27 7.94
C PHE B 263 24.12 -0.78 7.62
N LEU B 264 24.96 -0.45 6.64
CA LEU B 264 25.11 0.90 6.11
C LEU B 264 24.41 0.86 4.74
N HIS B 265 23.56 1.86 4.46
CA HIS B 265 22.77 1.90 3.23
C HIS B 265 22.99 3.13 2.40
N LEU B 266 22.83 2.99 1.08
CA LEU B 266 22.95 4.10 0.15
C LEU B 266 22.02 3.93 -1.06
N LEU B 267 21.19 4.93 -1.34
CA LEU B 267 20.36 4.94 -2.56
C LEU B 267 20.99 5.98 -3.49
N ARG B 268 21.17 5.66 -4.77
CA ARG B 268 21.77 6.59 -5.73
C ARG B 268 21.23 6.38 -7.13
N LEU B 269 21.30 7.40 -7.98
CA LEU B 269 20.80 7.31 -9.36
C LEU B 269 21.59 6.28 -10.13
N SER B 270 20.91 5.32 -10.78
CA SER B 270 21.55 4.22 -11.53
C SER B 270 22.58 4.69 -12.53
N GLY B 271 22.33 5.85 -13.13
CA GLY B 271 23.24 6.41 -14.10
C GLY B 271 24.48 7.05 -13.52
N ASP B 272 24.37 8.34 -13.18
CA ASP B 272 25.52 9.10 -12.72
C ASP B 272 25.93 8.87 -11.26
N GLY B 273 25.20 8.07 -10.51
CA GLY B 273 25.55 7.81 -9.12
C GLY B 273 25.24 8.95 -8.16
N GLN B 274 24.30 9.82 -8.53
CA GLN B 274 23.86 10.93 -7.69
C GLN B 274 23.19 10.38 -6.43
N GLU B 275 23.67 10.77 -5.25
CA GLU B 275 23.12 10.32 -3.97
C GLU B 275 21.70 10.85 -3.71
N ILE B 276 20.78 9.95 -3.39
CA ILE B 276 19.42 10.38 -3.07
C ILE B 276 19.14 10.12 -1.56
N ASN B 277 19.74 9.07 -0.97
CA ASN B 277 19.54 8.73 0.44
C ASN B 277 20.74 7.99 1.02
N ARG B 278 20.93 8.11 2.33
CA ARG B 278 21.89 7.34 3.09
C ARG B 278 21.23 6.95 4.42
N GLY B 279 21.47 5.74 4.90
CA GLY B 279 20.83 5.26 6.13
C GLY B 279 21.53 4.12 6.82
N THR B 280 20.99 3.71 7.98
CA THR B 280 21.52 2.61 8.77
C THR B 280 20.36 1.80 9.33
N THR B 281 20.52 0.47 9.39
CA THR B 281 19.50 -0.38 10.01
C THR B 281 20.13 -1.25 11.11
N LEU B 282 19.34 -1.62 12.11
CA LEU B 282 19.79 -2.48 13.19
C LEU B 282 18.80 -3.63 13.27
N TRP B 283 19.29 -4.87 13.22
CA TRP B 283 18.42 -6.04 13.21
C TRP B 283 18.75 -6.95 14.37
N ARG B 284 17.72 -7.49 15.04
CA ARG B 284 17.90 -8.42 16.17
C ARG B 284 17.60 -9.83 15.68
N LYS B 285 18.39 -10.83 16.13
CA LYS B 285 18.14 -12.22 15.75
C LYS B 285 16.86 -12.69 16.40
N LYS B 286 15.99 -13.37 15.63
CA LYS B 286 14.69 -13.86 16.10
C LYS B 286 14.83 -14.90 17.23
C4 WJG C . -2.14 -19.84 -11.67
C5 WJG C . -3.02 -20.85 -12.02
C6 WJG C . -4.21 -20.56 -12.66
C7 WJG C . -0.83 -20.16 -10.96
C8 WJG C . 0.31 -20.53 -11.90
C10 WJG C . 2.66 -20.64 -12.41
C13 WJG C . 0.06 -21.09 -13.15
N WJG C . -0.46 -19.08 -10.03
C WJG C . -6.77 -19.89 -13.68
O WJG C . -5.74 -18.91 -13.55
C1 WJG C . -4.56 -19.24 -12.94
C11 WJG C . 2.40 -21.19 -13.63
C12 WJG C . 1.09 -21.41 -14.01
C2 WJG C . -3.70 -18.23 -12.56
C3 WJG C . -2.50 -18.53 -11.93
C9 WJG C . 1.63 -20.32 -11.54
S SO4 D . -13.90 -17.32 -2.22
O1 SO4 D . -14.59 -17.47 -3.51
O2 SO4 D . -14.77 -17.75 -1.13
O3 SO4 D . -12.68 -18.16 -2.26
O4 SO4 D . -13.52 -15.91 -2.01
C4 WJG E . 15.38 17.59 -0.97
C5 WJG E . 16.04 18.66 -0.39
C6 WJG E . 16.59 18.58 0.88
C7 WJG E . 14.68 17.73 -2.32
C8 WJG E . 15.61 17.82 -3.53
C10 WJG E . 17.69 18.51 -4.54
C13 WJG E . 15.18 17.43 -4.78
N WJG E . 13.66 16.69 -2.51
C WJG E . 17.62 18.36 3.51
O WJG E . 16.95 17.27 2.89
C1 WJG E . 16.44 17.42 1.62
C11 WJG E . 17.27 18.05 -5.76
C12 WJG E . 16.02 17.51 -5.89
C2 WJG E . 15.72 16.36 1.08
C3 WJG E . 15.18 16.45 -0.20
C9 WJG E . 16.86 18.39 -3.43
S SO4 F . 5.44 19.43 10.48
O1 SO4 F . 6.08 19.33 9.16
O2 SO4 F . 4.12 18.80 10.45
O3 SO4 F . 6.27 18.72 11.47
O4 SO4 F . 5.33 20.85 10.86
#